data_5JGE
#
_entry.id   5JGE
#
_cell.length_a   27.875
_cell.length_b   32.921
_cell.length_c   56.957
_cell.angle_alpha   87.19
_cell.angle_beta   76.52
_cell.angle_gamma   67.10
#
_symmetry.space_group_name_H-M   'P 1'
#
loop_
_entity.id
_entity.type
_entity.pdbx_description
1 polymer 'Autophagy-related protein 19'
2 polymer 'Ape1 propeptide'
3 water water
#
loop_
_entity_poly.entity_id
_entity_poly.type
_entity_poly.pdbx_seq_one_letter_code
_entity_poly.pdbx_strand_id
1 'polypeptide(L)' GPHMLDNFMKQLLKLEESLNKLELEQKVTNKE A,B,D,E
2 'polypeptide(L)' GPMEEQREILEQLKKTLQMLTVY C,F
#
# COMPACT_ATOMS: atom_id res chain seq x y z
N HIS A 3 -9.93 18.73 -4.19
CA HIS A 3 -8.79 18.14 -3.39
C HIS A 3 -7.64 17.63 -4.23
N MET A 4 -6.46 17.61 -3.64
CA MET A 4 -5.23 17.48 -4.40
C MET A 4 -5.13 16.10 -5.09
N LEU A 5 -5.76 15.07 -4.52
CA LEU A 5 -5.78 13.69 -5.02
C LEU A 5 -6.79 13.39 -6.10
N ASP A 6 -7.52 14.41 -6.51
CA ASP A 6 -8.73 14.26 -7.35
C ASP A 6 -8.41 13.59 -8.68
N ASN A 7 -7.34 13.97 -9.35
CA ASN A 7 -7.00 13.44 -10.69
C ASN A 7 -6.72 11.97 -10.63
N PHE A 8 -5.97 11.59 -9.61
CA PHE A 8 -5.63 10.20 -9.40
C PHE A 8 -6.84 9.33 -9.16
N MET A 9 -7.75 9.85 -8.35
CA MET A 9 -8.96 9.13 -8.04
C MET A 9 -9.85 8.96 -9.22
N LYS A 10 -9.95 9.99 -10.03
CA LYS A 10 -10.72 9.96 -11.24
C LYS A 10 -10.16 8.94 -12.21
N GLN A 11 -8.85 8.93 -12.37
CA GLN A 11 -8.20 7.97 -13.24
C GLN A 11 -8.43 6.53 -12.80
N LEU A 12 -8.35 6.30 -11.51
CA LEU A 12 -8.70 4.99 -10.95
C LEU A 12 -10.16 4.52 -11.22
N LEU A 13 -11.09 5.44 -11.03
CA LEU A 13 -12.49 5.17 -11.34
C LEU A 13 -12.68 4.85 -12.84
N LYS A 14 -12.04 5.62 -13.70
CA LYS A 14 -12.08 5.37 -15.15
C LYS A 14 -11.48 4.06 -15.57
N LEU A 15 -10.35 3.72 -14.98
CA LEU A 15 -9.77 2.40 -15.20
C LEU A 15 -10.71 1.27 -14.70
N GLU A 16 -11.39 1.46 -13.59
CA GLU A 16 -12.31 0.43 -13.12
C GLU A 16 -13.51 0.29 -14.06
N GLU A 17 -14.00 1.41 -14.57
CA GLU A 17 -15.10 1.47 -15.54
C GLU A 17 -14.67 0.58 -16.74
N SER A 18 -13.44 0.78 -17.21
CA SER A 18 -12.95 0.04 -18.37
C SER A 18 -12.80 -1.47 -18.07
N LEU A 19 -12.27 -1.78 -16.90
CA LEU A 19 -12.16 -3.18 -16.48
C LEU A 19 -13.49 -3.90 -16.27
N ASN A 20 -14.46 -3.20 -15.70
CA ASN A 20 -15.84 -3.70 -15.58
C ASN A 20 -16.40 -4.15 -16.94
N LYS A 21 -16.17 -3.34 -17.97
CA LYS A 21 -16.59 -3.62 -19.34
C LYS A 21 -15.90 -4.90 -19.86
N LEU A 22 -14.60 -5.05 -19.63
CA LEU A 22 -13.87 -6.28 -20.04
C LEU A 22 -14.35 -7.53 -19.29
N GLU A 23 -14.64 -7.37 -18.00
CA GLU A 23 -15.08 -8.46 -17.13
C GLU A 23 -16.45 -8.95 -17.57
N LEU A 24 -17.34 -8.02 -17.90
CA LEU A 24 -18.71 -8.35 -18.31
C LEU A 24 -18.65 -9.09 -19.67
N GLU A 25 -17.84 -8.57 -20.60
CA GLU A 25 -17.60 -9.20 -21.92
C GLU A 25 -17.09 -10.64 -21.78
N GLN A 26 -16.15 -10.87 -20.88
CA GLN A 26 -15.61 -12.20 -20.67
C GLN A 26 -16.61 -13.16 -20.06
N LYS A 27 -17.32 -12.73 -19.02
CA LYS A 27 -18.38 -13.51 -18.37
C LYS A 27 -19.38 -14.08 -19.40
N VAL A 28 -19.77 -13.25 -20.36
CA VAL A 28 -20.61 -13.67 -21.49
C VAL A 28 -19.87 -14.62 -22.42
N THR A 29 -18.74 -14.14 -22.94
CA THR A 29 -17.95 -14.78 -23.99
C THR A 29 -17.62 -16.27 -23.64
N ASN A 30 -17.43 -16.61 -22.36
CA ASN A 30 -17.15 -18.01 -21.97
C ASN A 30 -18.38 -18.94 -22.10
N GLY B 1 2.28 9.43 2.25
CA GLY B 1 3.18 10.59 2.04
C GLY B 1 3.67 10.68 0.59
N PRO B 2 4.73 11.48 0.35
CA PRO B 2 5.23 11.66 -1.03
C PRO B 2 5.72 10.38 -1.75
N HIS B 3 6.38 9.48 -1.01
CA HIS B 3 6.89 8.22 -1.61
C HIS B 3 5.76 7.29 -2.02
N MET B 4 4.79 7.14 -1.14
CA MET B 4 3.59 6.35 -1.41
C MET B 4 2.84 6.94 -2.60
N LEU B 5 2.74 8.25 -2.65
CA LEU B 5 2.05 8.94 -3.75
C LEU B 5 2.76 8.67 -5.10
N ASP B 6 4.06 8.79 -5.10
CA ASP B 6 4.87 8.54 -6.28
C ASP B 6 4.70 7.11 -6.84
N ASN B 7 4.79 6.15 -5.95
CA ASN B 7 4.61 4.77 -6.34
C ASN B 7 3.22 4.55 -6.89
N PHE B 8 2.23 5.15 -6.25
CA PHE B 8 0.84 5.01 -6.66
C PHE B 8 0.64 5.56 -8.09
N MET B 9 1.23 6.70 -8.35
CA MET B 9 1.12 7.35 -9.64
C MET B 9 1.76 6.48 -10.73
N LYS B 10 2.92 5.93 -10.45
CA LYS B 10 3.60 5.02 -11.36
C LYS B 10 2.82 3.71 -11.63
N GLN B 11 2.25 3.13 -10.56
CA GLN B 11 1.40 1.97 -10.68
C GLN B 11 0.14 2.28 -11.51
N LEU B 12 -0.44 3.48 -11.36
CA LEU B 12 -1.53 3.91 -12.19
C LEU B 12 -1.22 3.94 -13.71
N LEU B 13 -0.07 4.50 -14.05
CA LEU B 13 0.37 4.58 -15.43
C LEU B 13 0.54 3.15 -16.01
N LYS B 14 1.13 2.28 -15.22
CA LYS B 14 1.28 0.90 -15.60
C LYS B 14 -0.07 0.20 -15.78
N LEU B 15 -1.02 0.48 -14.87
CA LEU B 15 -2.34 -0.07 -14.99
C LEU B 15 -3.04 0.40 -16.26
N GLU B 16 -2.88 1.67 -16.59
CA GLU B 16 -3.51 2.17 -17.78
C GLU B 16 -2.89 1.52 -19.02
N GLU B 17 -1.58 1.33 -18.99
CA GLU B 17 -0.85 0.60 -20.05
C GLU B 17 -1.41 -0.79 -20.20
N SER B 18 -1.58 -1.49 -19.09
CA SER B 18 -2.08 -2.84 -19.12
C SER B 18 -3.53 -2.97 -19.67
N LEU B 19 -4.40 -2.08 -19.21
CA LEU B 19 -5.78 -2.08 -19.64
C LEU B 19 -5.89 -1.74 -21.12
N ASN B 20 -5.06 -0.84 -21.60
CA ASN B 20 -5.04 -0.56 -23.03
C ASN B 20 -4.79 -1.80 -23.88
N LYS B 21 -3.87 -2.67 -23.45
CA LYS B 21 -3.55 -3.90 -24.21
C LYS B 21 -4.77 -4.78 -24.26
N LEU B 22 -5.48 -4.86 -23.14
CA LEU B 22 -6.71 -5.68 -23.10
C LEU B 22 -7.85 -5.10 -23.92
N GLU B 23 -7.96 -3.79 -23.92
CA GLU B 23 -8.98 -3.06 -24.68
C GLU B 23 -8.78 -3.19 -26.19
N LEU B 24 -7.53 -3.07 -26.62
CA LEU B 24 -7.17 -3.17 -28.03
C LEU B 24 -7.44 -4.62 -28.54
N GLU B 25 -7.03 -5.63 -27.76
CA GLU B 25 -7.41 -7.02 -28.04
C GLU B 25 -8.92 -7.25 -28.20
N GLN B 26 -9.71 -6.70 -27.27
CA GLN B 26 -11.16 -6.86 -27.32
C GLN B 26 -11.81 -6.12 -28.49
N LYS B 27 -11.29 -4.93 -28.81
CA LYS B 27 -11.77 -4.14 -29.94
C LYS B 27 -11.33 -4.75 -31.26
N GLY C 1 -6.18 -15.10 -15.65
CA GLY C 1 -5.63 -14.44 -16.84
C GLY C 1 -5.16 -13.03 -16.53
N PRO C 2 -4.62 -12.34 -17.54
CA PRO C 2 -4.11 -10.98 -17.29
C PRO C 2 -5.18 -10.01 -16.76
N MET C 3 -6.42 -10.13 -17.23
CA MET C 3 -7.51 -9.29 -16.74
C MET C 3 -7.81 -9.38 -15.25
N GLU C 4 -7.85 -10.62 -14.74
CA GLU C 4 -8.04 -10.89 -13.35
C GLU C 4 -6.89 -10.41 -12.52
N GLU C 5 -5.67 -10.51 -13.04
CA GLU C 5 -4.48 -9.90 -12.39
C GLU C 5 -4.61 -8.37 -12.27
N GLN C 6 -5.10 -7.72 -13.32
CA GLN C 6 -5.31 -6.29 -13.27
C GLN C 6 -6.40 -5.89 -12.29
N ARG C 7 -7.44 -6.70 -12.18
CA ARG C 7 -8.46 -6.48 -11.14
C ARG C 7 -7.84 -6.49 -9.73
N GLU C 8 -6.94 -7.40 -9.47
CA GLU C 8 -6.27 -7.49 -8.19
C GLU C 8 -5.40 -6.26 -7.91
N ILE C 9 -4.65 -5.83 -8.94
CA ILE C 9 -3.78 -4.67 -8.87
C ILE C 9 -4.66 -3.44 -8.63
N LEU C 10 -5.75 -3.33 -9.35
CA LEU C 10 -6.65 -2.22 -9.20
C LEU C 10 -7.22 -2.18 -7.76
N GLU C 11 -7.59 -3.33 -7.24
CA GLU C 11 -8.15 -3.39 -5.89
C GLU C 11 -7.10 -3.05 -4.82
N GLN C 12 -5.85 -3.43 -5.05
CA GLN C 12 -4.73 -2.98 -4.23
C GLN C 12 -4.51 -1.46 -4.27
N LEU C 13 -4.60 -0.86 -5.46
CA LEU C 13 -4.46 0.57 -5.58
C LEU C 13 -5.60 1.33 -4.89
N LYS C 14 -6.81 0.75 -4.90
CA LYS C 14 -7.95 1.33 -4.11
C LYS C 14 -7.63 1.31 -2.59
N LYS C 15 -7.03 0.23 -2.12
CA LYS C 15 -6.61 0.19 -0.72
C LYS C 15 -5.56 1.27 -0.43
N THR C 16 -4.55 1.37 -1.31
CA THR C 16 -3.46 2.34 -1.10
C THR C 16 -4.02 3.78 -1.09
N LEU C 17 -4.94 4.06 -2.00
CA LEU C 17 -5.67 5.35 -2.02
C LEU C 17 -6.25 5.77 -0.69
N GLN C 18 -6.85 4.82 0.01
CA GLN C 18 -7.41 5.10 1.30
C GLN C 18 -6.32 5.57 2.30
N MET C 19 -5.10 5.08 2.16
CA MET C 19 -3.96 5.53 3.03
C MET C 19 -3.32 6.84 2.63
N LEU C 20 -3.45 7.20 1.36
CA LEU C 20 -2.78 8.39 0.83
C LEU C 20 -3.30 9.66 1.48
N THR C 21 -2.40 10.55 1.80
CA THR C 21 -2.75 11.88 2.29
C THR C 21 -1.75 12.91 1.76
N VAL C 22 -2.19 14.14 1.53
CA VAL C 22 -1.27 15.23 1.19
C VAL C 22 -0.82 16.03 2.41
N TYR C 23 -1.28 15.63 3.60
CA TYR C 23 -0.96 16.36 4.86
C TYR C 23 0.17 15.73 5.58
N GLY D 1 -0.36 1.73 35.51
CA GLY D 1 -0.28 0.28 35.19
C GLY D 1 -0.46 -0.04 33.72
N PRO D 2 -0.71 -1.34 33.40
CA PRO D 2 -0.80 -1.81 32.00
C PRO D 2 -2.11 -1.38 31.30
N HIS D 3 -1.98 -1.06 30.02
CA HIS D 3 -3.13 -0.87 29.16
C HIS D 3 -2.92 -1.68 27.88
N MET D 4 -4.03 -2.11 27.25
CA MET D 4 -3.95 -3.00 26.11
C MET D 4 -3.06 -2.47 24.98
N LEU D 5 -3.12 -1.18 24.77
CA LEU D 5 -2.37 -0.54 23.69
C LEU D 5 -0.85 -0.36 23.89
N ASP D 6 -0.37 -0.62 25.12
CA ASP D 6 1.05 -0.73 25.43
C ASP D 6 1.71 -1.78 24.49
N ASN D 7 1.03 -2.89 24.27
CA ASN D 7 1.59 -3.98 23.47
C ASN D 7 1.76 -3.58 22.02
N PHE D 8 0.77 -2.87 21.52
CA PHE D 8 0.84 -2.38 20.13
C PHE D 8 2.04 -1.44 19.96
N MET D 9 2.24 -0.59 20.94
CA MET D 9 3.36 0.35 20.86
C MET D 9 4.67 -0.36 20.81
N LYS D 10 4.82 -1.35 21.67
CA LYS D 10 6.03 -2.13 21.75
C LYS D 10 6.32 -2.85 20.45
N GLN D 11 5.27 -3.37 19.82
CA GLN D 11 5.39 -4.02 18.47
C GLN D 11 5.85 -3.03 17.36
N LEU D 12 5.25 -1.85 17.39
CA LEU D 12 5.61 -0.78 16.46
C LEU D 12 7.06 -0.32 16.60
N LEU D 13 7.52 -0.24 17.85
CA LEU D 13 8.85 0.18 18.13
C LEU D 13 9.87 -0.87 17.64
N LYS D 14 9.58 -2.14 17.84
CA LYS D 14 10.39 -3.22 17.29
C LYS D 14 10.52 -3.18 15.77
N LEU D 15 9.40 -3.00 15.10
CA LEU D 15 9.42 -2.79 13.64
C LEU D 15 10.19 -1.53 13.24
N GLU D 16 10.10 -0.46 14.03
CA GLU D 16 10.87 0.76 13.72
C GLU D 16 12.35 0.50 13.88
N GLU D 17 12.69 -0.31 14.85
CA GLU D 17 14.10 -0.68 15.11
C GLU D 17 14.64 -1.39 13.88
N SER D 18 13.85 -2.31 13.34
CA SER D 18 14.24 -3.00 12.10
C SER D 18 14.38 -2.01 10.91
N LEU D 19 13.42 -1.10 10.77
CA LEU D 19 13.49 -0.10 9.71
C LEU D 19 14.66 0.89 9.85
N ASN D 20 14.95 1.31 11.06
CA ASN D 20 16.13 2.14 11.34
C ASN D 20 17.41 1.51 10.82
N LYS D 21 17.54 0.21 11.03
CA LYS D 21 18.68 -0.57 10.60
C LYS D 21 18.76 -0.58 9.07
N LEU D 22 17.63 -0.78 8.39
CA LEU D 22 17.58 -0.78 6.94
C LEU D 22 17.94 0.59 6.38
N GLU D 23 17.42 1.64 7.03
CA GLU D 23 17.67 3.03 6.61
C GLU D 23 19.15 3.39 6.72
N LEU D 24 19.79 3.00 7.82
CA LEU D 24 21.21 3.25 8.05
C LEU D 24 22.05 2.48 6.99
N GLU D 25 21.69 1.19 6.78
CA GLU D 25 22.32 0.33 5.75
C GLU D 25 22.22 0.94 4.35
N GLN D 26 21.04 1.47 4.01
CA GLN D 26 20.84 2.08 2.69
C GLN D 26 21.68 3.34 2.50
N LYS D 27 21.66 4.22 3.50
CA LYS D 27 22.45 5.46 3.48
C LYS D 27 23.91 5.19 3.14
N VAL D 28 24.47 4.13 3.71
CA VAL D 28 25.80 3.64 3.37
C VAL D 28 25.85 3.05 1.96
N THR D 29 25.01 2.05 1.74
CA THR D 29 25.00 1.18 0.56
C THR D 29 24.88 2.02 -0.75
N ASN D 30 24.09 3.09 -0.72
CA ASN D 30 24.01 4.07 -1.83
C ASN D 30 25.31 4.86 -1.98
N GLY E 1 -12.05 3.08 17.36
CA GLY E 1 -13.08 2.07 17.62
C GLY E 1 -12.74 0.72 16.97
N PRO E 2 -13.75 -0.15 16.82
CA PRO E 2 -13.46 -1.51 16.35
C PRO E 2 -12.89 -1.59 14.92
N HIS E 3 -13.40 -0.73 14.02
CA HIS E 3 -12.93 -0.73 12.65
C HIS E 3 -11.49 -0.24 12.53
N MET E 4 -11.18 0.83 13.27
CA MET E 4 -9.82 1.40 13.32
C MET E 4 -8.88 0.39 13.90
N LEU E 5 -9.30 -0.30 14.98
CA LEU E 5 -8.49 -1.33 15.61
C LEU E 5 -8.16 -2.48 14.63
N ASP E 6 -9.19 -2.97 13.96
CA ASP E 6 -9.04 -4.12 12.99
C ASP E 6 -8.08 -3.78 11.85
N ASN E 7 -8.28 -2.63 11.29
CA ASN E 7 -7.43 -2.17 10.23
C ASN E 7 -5.98 -1.97 10.67
N PHE E 8 -5.82 -1.40 11.84
CA PHE E 8 -4.52 -1.16 12.42
C PHE E 8 -3.77 -2.49 12.59
N MET E 9 -4.45 -3.50 13.14
CA MET E 9 -3.85 -4.79 13.39
C MET E 9 -3.40 -5.48 12.09
N LYS E 10 -4.24 -5.41 11.08
CA LYS E 10 -3.91 -5.92 9.75
C LYS E 10 -2.73 -5.16 9.11
N GLN E 11 -2.73 -3.86 9.22
CA GLN E 11 -1.62 -3.03 8.72
C GLN E 11 -0.30 -3.35 9.43
N LEU E 12 -0.35 -3.62 10.74
CA LEU E 12 0.84 -4.02 11.47
C LEU E 12 1.44 -5.35 10.97
N LEU E 13 0.57 -6.32 10.67
CA LEU E 13 1.03 -7.60 10.11
C LEU E 13 1.68 -7.40 8.74
N LYS E 14 1.02 -6.61 7.89
CA LYS E 14 1.51 -6.28 6.59
C LYS E 14 2.81 -5.55 6.64
N LEU E 15 2.96 -4.62 7.59
CA LEU E 15 4.26 -3.93 7.77
C LEU E 15 5.37 -4.88 8.10
N GLU E 16 5.12 -5.85 8.99
CA GLU E 16 6.17 -6.82 9.26
C GLU E 16 6.52 -7.67 8.03
N GLU E 17 5.50 -8.10 7.32
CA GLU E 17 5.70 -8.81 6.07
C GLU E 17 6.55 -8.02 5.10
N SER E 18 6.29 -6.72 4.98
CA SER E 18 7.04 -5.87 4.10
C SER E 18 8.50 -5.72 4.52
N LEU E 19 8.72 -5.49 5.81
CA LEU E 19 10.08 -5.30 6.34
C LEU E 19 10.93 -6.59 6.21
N ASN E 20 10.30 -7.76 6.41
CA ASN E 20 10.97 -9.03 6.15
C ASN E 20 11.58 -9.16 4.77
N LYS E 21 10.83 -8.73 3.75
CA LYS E 21 11.31 -8.79 2.39
C LYS E 21 12.53 -7.90 2.21
N LEU E 22 12.45 -6.69 2.75
CA LEU E 22 13.54 -5.76 2.63
C LEU E 22 14.79 -6.25 3.34
N GLU E 23 14.59 -6.85 4.51
CA GLU E 23 15.69 -7.35 5.33
C GLU E 23 16.46 -8.41 4.58
N LEU E 24 15.74 -9.33 3.96
CA LEU E 24 16.39 -10.42 3.23
C LEU E 24 17.23 -9.87 2.07
N GLU E 25 16.61 -8.97 1.32
CA GLU E 25 17.30 -8.31 0.23
C GLU E 25 18.58 -7.54 0.66
N GLN E 26 18.47 -6.85 1.79
CA GLN E 26 19.55 -6.01 2.32
C GLN E 26 20.73 -6.85 2.80
N LYS E 27 20.45 -7.99 3.43
CA LYS E 27 21.51 -8.95 3.80
C LYS E 27 22.42 -9.26 2.62
N VAL E 28 21.82 -9.48 1.45
CA VAL E 28 22.59 -9.68 0.22
C VAL E 28 23.35 -8.40 -0.18
N THR E 29 22.59 -7.31 -0.30
CA THR E 29 23.14 -5.99 -0.68
C THR E 29 24.44 -5.53 0.07
N ASN E 30 24.47 -5.69 1.40
CA ASN E 30 25.58 -5.15 2.24
C ASN E 30 26.96 -5.76 1.93
N GLY F 1 11.60 4.73 -2.80
CA GLY F 1 11.66 3.25 -2.92
C GLY F 1 10.76 2.58 -1.91
N PRO F 2 10.72 1.23 -1.94
CA PRO F 2 9.85 0.51 -1.01
C PRO F 2 10.15 0.82 0.47
N MET F 3 11.42 1.00 0.83
CA MET F 3 11.75 1.31 2.22
C MET F 3 11.17 2.62 2.75
N GLU F 4 11.28 3.66 1.94
CA GLU F 4 10.75 4.95 2.26
C GLU F 4 9.25 4.92 2.32
N GLU F 5 8.59 4.10 1.48
CA GLU F 5 7.14 3.86 1.60
C GLU F 5 6.80 3.24 2.95
N GLN F 6 7.60 2.27 3.41
CA GLN F 6 7.34 1.62 4.70
C GLN F 6 7.53 2.54 5.89
N ARG F 7 8.50 3.44 5.78
CA ARG F 7 8.62 4.52 6.76
C ARG F 7 7.37 5.39 6.86
N GLU F 8 6.80 5.77 5.72
CA GLU F 8 5.54 6.53 5.70
C GLU F 8 4.39 5.76 6.35
N ILE F 9 4.29 4.48 6.01
CA ILE F 9 3.23 3.60 6.60
C ILE F 9 3.43 3.51 8.12
N LEU F 10 4.65 3.25 8.53
CA LEU F 10 4.97 3.15 9.96
C LEU F 10 4.56 4.45 10.70
N GLU F 11 4.89 5.59 10.11
CA GLU F 11 4.54 6.86 10.73
C GLU F 11 3.05 7.06 10.82
N GLN F 12 2.33 6.62 9.79
CA GLN F 12 0.84 6.62 9.79
C GLN F 12 0.27 5.73 10.91
N LEU F 13 0.83 4.55 11.09
CA LEU F 13 0.40 3.64 12.16
C LEU F 13 0.70 4.21 13.55
N LYS F 14 1.83 4.92 13.71
CA LYS F 14 2.09 5.63 14.99
C LYS F 14 1.03 6.70 15.25
N LYS F 15 0.65 7.44 14.22
CA LYS F 15 -0.40 8.40 14.38
C LYS F 15 -1.73 7.71 14.78
N THR F 16 -2.09 6.61 14.12
CA THR F 16 -3.33 5.87 14.44
C THR F 16 -3.29 5.37 15.89
N LEU F 17 -2.17 4.78 16.29
CA LEU F 17 -1.94 4.34 17.66
C LEU F 17 -2.14 5.47 18.70
N GLN F 18 -1.71 6.69 18.39
CA GLN F 18 -1.93 7.84 19.24
C GLN F 18 -3.42 8.15 19.39
N MET F 19 -4.18 7.97 18.32
CA MET F 19 -5.60 8.21 18.39
C MET F 19 -6.34 7.11 19.10
N LEU F 20 -5.90 5.87 18.99
CA LEU F 20 -6.69 4.73 19.53
C LEU F 20 -6.79 4.79 21.08
N THR F 21 -7.96 4.50 21.61
CA THR F 21 -8.16 4.41 23.04
C THR F 21 -9.22 3.36 23.30
N VAL F 22 -9.12 2.69 24.42
CA VAL F 22 -10.24 1.89 24.93
C VAL F 22 -11.17 2.61 25.93
N TYR F 23 -10.89 3.86 26.30
CA TYR F 23 -11.65 4.64 27.33
C TYR F 23 -12.49 5.76 26.74
#